data_5TTS
#
_entry.id   5TTS
#
_cell.length_a   47.369
_cell.length_b   75.754
_cell.length_c   89.550
_cell.angle_alpha   90.000
_cell.angle_beta   90.000
_cell.angle_gamma   90.000
#
_symmetry.space_group_name_H-M   'P 21 21 21'
#
loop_
_entity.id
_entity.type
_entity.pdbx_description
1 polymer 'Tyrosine-protein kinase JAK3'
2 non-polymer 1-{(3R)-3-[(7H-pyrrolo[2,3-d]pyrimidin-4-yl)amino]piperidin-1-yl}propan-1-one
3 water water
#
_entity_poly.entity_id   1
_entity_poly.type   'polypeptide(L)'
_entity_poly.pdbx_seq_one_letter_code
;MGHHHHHHQDPTIFEERHLKYISQLGKGNFGSVELCRYDPLGDNTGALVAVKQLQHSGPDQQRDFQREIQILKALHSDFI
VKYRGVSYGPGRQSLRLVMEYLPSGCLRDFLQRHRARLDASRLLLYSSQICKGMEYLGSRRCVHRDLAARNILVESEAHV
KIADFGLAKLLPLDKDYYVVREPGQSPIFWYAPESLSDNIFSRQSDVWSFGVVLYELFTYCDKSCSPSAEFLRMMGCERD
VPALSRLLELLEEGQRLPAPPACPAEVHELMKLCWAPSPQDRPSFSALGPQLDMLWSGSRGCETHAFTAHPEGKHHSLSF
S
;
_entity_poly.pdbx_strand_id   A
#
loop_
_chem_comp.id
_chem_comp.type
_chem_comp.name
_chem_comp.formula
7KU non-polymer 1-{(3R)-3-[(7H-pyrrolo[2,3-d]pyrimidin-4-yl)amino]piperidin-1-yl}propan-1-one 'C14 H19 N5 O'
#
# COMPACT_ATOMS: atom_id res chain seq x y z
N PRO A 11 -7.29 4.94 27.02
CA PRO A 11 -7.72 5.38 25.68
C PRO A 11 -6.70 5.06 24.58
N THR A 12 -5.41 5.43 24.79
CA THR A 12 -4.28 5.21 23.88
C THR A 12 -3.39 4.05 24.39
N ILE A 13 -3.71 3.54 25.59
CA ILE A 13 -3.05 2.38 26.20
C ILE A 13 -4.14 1.33 26.40
N PHE A 14 -3.90 0.17 25.78
CA PHE A 14 -4.79 -0.97 25.80
C PHE A 14 -4.18 -2.08 26.67
N GLU A 15 -4.85 -2.42 27.76
CA GLU A 15 -4.39 -3.50 28.65
C GLU A 15 -4.56 -4.83 27.93
N GLU A 16 -3.46 -5.63 27.89
CA GLU A 16 -3.39 -6.95 27.23
C GLU A 16 -4.51 -7.91 27.60
N ARG A 17 -4.84 -7.99 28.89
CA ARG A 17 -5.91 -8.85 29.44
C ARG A 17 -7.30 -8.52 28.90
N HIS A 18 -7.49 -7.30 28.35
CA HIS A 18 -8.78 -6.87 27.83
C HIS A 18 -8.89 -7.04 26.32
N LEU A 19 -7.77 -7.42 25.64
CA LEU A 19 -7.76 -7.65 24.20
C LEU A 19 -8.05 -9.11 23.94
N LYS A 20 -9.28 -9.40 23.53
CA LYS A 20 -9.75 -10.77 23.29
C LYS A 20 -9.59 -11.18 21.84
N TYR A 21 -8.83 -12.25 21.61
CA TYR A 21 -8.53 -12.79 20.28
C TYR A 21 -9.77 -13.35 19.61
N ILE A 22 -9.95 -13.05 18.30
CA ILE A 22 -11.09 -13.57 17.53
C ILE A 22 -10.59 -14.41 16.35
N SER A 23 -9.82 -13.78 15.44
CA SER A 23 -9.32 -14.46 14.27
C SER A 23 -8.06 -13.79 13.74
N GLN A 24 -7.46 -14.41 12.71
CA GLN A 24 -6.29 -13.87 12.03
C GLN A 24 -6.80 -13.03 10.85
N LEU A 25 -6.35 -11.78 10.74
CA LEU A 25 -6.76 -10.92 9.60
C LEU A 25 -5.74 -11.03 8.48
N GLY A 26 -4.50 -11.30 8.86
CA GLY A 26 -3.40 -11.46 7.93
C GLY A 26 -2.11 -11.91 8.59
N LYS A 27 -1.21 -12.39 7.74
CA LYS A 27 0.16 -12.85 8.02
C LYS A 27 1.06 -12.23 6.93
N GLY A 28 2.27 -11.86 7.31
CA GLY A 28 3.25 -11.23 6.42
C GLY A 28 4.48 -10.82 7.18
N ASN A 29 5.60 -11.54 6.91
CA ASN A 29 6.94 -11.40 7.52
C ASN A 29 7.28 -9.96 8.00
N PHE A 30 7.60 -9.80 9.30
CA PHE A 30 7.69 -10.89 10.30
C PHE A 30 6.59 -10.80 11.37
N GLY A 31 5.38 -10.42 10.96
CA GLY A 31 4.26 -10.30 11.87
C GLY A 31 2.88 -10.73 11.38
N SER A 32 1.93 -10.70 12.32
CA SER A 32 0.52 -11.01 12.08
C SER A 32 -0.35 -9.82 12.50
N VAL A 33 -1.49 -9.66 11.81
CA VAL A 33 -2.57 -8.72 12.12
C VAL A 33 -3.72 -9.61 12.58
N GLU A 34 -4.23 -9.36 13.77
CA GLU A 34 -5.31 -10.17 14.34
C GLU A 34 -6.52 -9.33 14.60
N LEU A 35 -7.69 -9.93 14.46
CA LEU A 35 -8.95 -9.29 14.82
C LEU A 35 -9.13 -9.62 16.29
N CYS A 36 -9.20 -8.56 17.11
CA CYS A 36 -9.41 -8.62 18.55
C CYS A 36 -10.61 -7.76 18.93
N ARG A 37 -11.20 -8.03 20.10
CA ARG A 37 -12.25 -7.18 20.64
C ARG A 37 -11.63 -6.61 21.89
N TYR A 38 -11.64 -5.28 22.05
CA TYR A 38 -11.16 -4.69 23.28
C TYR A 38 -12.38 -4.70 24.18
N ASP A 39 -12.43 -5.70 25.07
CA ASP A 39 -13.57 -6.02 25.93
C ASP A 39 -13.27 -5.93 27.44
N PRO A 40 -13.10 -4.71 28.02
CA PRO A 40 -12.85 -4.61 29.47
C PRO A 40 -14.01 -5.17 30.34
N LEU A 41 -15.26 -5.09 29.84
CA LEU A 41 -16.42 -5.64 30.54
C LEU A 41 -16.46 -7.16 30.45
N GLY A 42 -15.81 -7.74 29.43
CA GLY A 42 -15.77 -9.19 29.21
C GLY A 42 -17.11 -9.80 28.82
N ASP A 43 -18.03 -8.98 28.25
CA ASP A 43 -19.38 -9.41 27.90
C ASP A 43 -19.68 -9.46 26.38
N ASN A 44 -18.61 -9.39 25.54
CA ASN A 44 -18.61 -9.41 24.07
C ASN A 44 -19.24 -8.17 23.47
N THR A 45 -19.31 -7.08 24.24
CA THR A 45 -19.92 -5.84 23.74
C THR A 45 -18.88 -4.78 23.37
N GLY A 46 -17.61 -5.02 23.68
CA GLY A 46 -16.52 -4.10 23.36
C GLY A 46 -16.24 -3.96 21.87
N ALA A 47 -15.54 -2.88 21.48
CA ALA A 47 -15.22 -2.59 20.08
C ALA A 47 -14.17 -3.55 19.50
N LEU A 48 -14.30 -3.80 18.20
CA LEU A 48 -13.38 -4.59 17.41
C LEU A 48 -12.17 -3.73 17.02
N VAL A 49 -10.96 -4.31 17.08
CA VAL A 49 -9.69 -3.64 16.72
C VAL A 49 -8.78 -4.59 15.93
N ALA A 50 -7.92 -4.02 15.06
CA ALA A 50 -6.93 -4.79 14.30
C ALA A 50 -5.63 -4.64 15.11
N VAL A 51 -5.02 -5.77 15.47
CA VAL A 51 -3.83 -5.74 16.34
C VAL A 51 -2.65 -6.39 15.64
N LYS A 52 -1.57 -5.62 15.50
CA LYS A 52 -0.33 -6.06 14.87
C LYS A 52 0.67 -6.37 15.94
N GLN A 53 1.41 -7.46 15.76
CA GLN A 53 2.46 -7.91 16.67
C GLN A 53 3.49 -8.69 15.90
N LEU A 54 4.70 -8.81 16.45
CA LEU A 54 5.74 -9.63 15.82
C LEU A 54 5.56 -11.08 16.27
N GLN A 55 5.59 -12.02 15.30
CA GLN A 55 5.44 -13.47 15.53
C GLN A 55 6.79 -14.10 15.85
N GLY A 58 12.83 -11.26 17.37
CA GLY A 58 13.89 -10.59 16.63
C GLY A 58 14.36 -9.29 17.25
N PRO A 59 15.69 -9.00 17.25
CA PRO A 59 16.17 -7.74 17.86
C PRO A 59 16.02 -6.53 16.94
N ASP A 60 16.44 -6.66 15.66
CA ASP A 60 16.37 -5.63 14.63
C ASP A 60 14.92 -5.45 14.21
N GLN A 61 14.16 -6.58 14.14
CA GLN A 61 12.74 -6.63 13.81
C GLN A 61 11.92 -5.86 14.86
N GLN A 62 12.36 -5.93 16.15
CA GLN A 62 11.73 -5.21 17.26
C GLN A 62 11.92 -3.71 17.08
N ARG A 63 13.12 -3.31 16.61
CA ARG A 63 13.45 -1.92 16.30
C ARG A 63 12.61 -1.47 15.09
N ASP A 64 12.46 -2.37 14.09
CA ASP A 64 11.66 -2.11 12.89
C ASP A 64 10.19 -1.87 13.26
N PHE A 65 9.65 -2.72 14.15
CA PHE A 65 8.26 -2.64 14.63
C PHE A 65 7.96 -1.36 15.41
N GLN A 66 8.90 -0.95 16.29
CA GLN A 66 8.76 0.27 17.07
C GLN A 66 8.82 1.52 16.18
N ARG A 67 9.60 1.45 15.07
CA ARG A 67 9.70 2.54 14.08
C ARG A 67 8.35 2.66 13.33
N GLU A 68 7.76 1.51 12.96
CA GLU A 68 6.47 1.44 12.27
C GLU A 68 5.39 2.14 13.10
N ILE A 69 5.35 1.81 14.42
CA ILE A 69 4.45 2.38 15.43
C ILE A 69 4.66 3.90 15.47
N GLN A 70 5.93 4.37 15.52
CA GLN A 70 6.22 5.83 15.56
C GLN A 70 5.79 6.53 14.28
N ILE A 71 5.96 5.87 13.12
CA ILE A 71 5.53 6.41 11.84
C ILE A 71 3.99 6.55 11.82
N LEU A 72 3.25 5.45 12.14
CA LEU A 72 1.78 5.45 12.09
C LEU A 72 1.12 6.38 13.12
N LYS A 73 1.66 6.46 14.35
CA LYS A 73 1.18 7.32 15.43
C LYS A 73 1.22 8.81 14.99
N ALA A 74 2.28 9.19 14.27
CA ALA A 74 2.50 10.56 13.77
C ALA A 74 1.72 10.90 12.47
N LEU A 75 1.07 9.91 11.84
CA LEU A 75 0.24 10.14 10.64
C LEU A 75 -1.21 10.41 11.04
N HIS A 76 -1.82 11.48 10.52
CA HIS A 76 -3.20 11.89 10.82
C HIS A 76 -3.88 12.31 9.52
N SER A 77 -4.46 11.37 8.80
CA SER A 77 -5.13 11.64 7.53
C SER A 77 -6.37 10.72 7.39
N ASP A 78 -7.38 11.18 6.63
CA ASP A 78 -8.59 10.39 6.31
C ASP A 78 -8.26 9.24 5.34
N PHE A 79 -7.11 9.33 4.63
CA PHE A 79 -6.67 8.35 3.65
C PHE A 79 -5.54 7.43 4.17
N ILE A 80 -5.33 7.41 5.51
CA ILE A 80 -4.31 6.55 6.16
C ILE A 80 -4.98 5.88 7.35
N VAL A 81 -4.81 4.55 7.45
CA VAL A 81 -5.34 3.74 8.55
C VAL A 81 -5.01 4.39 9.90
N LYS A 82 -6.05 4.54 10.75
CA LYS A 82 -5.97 5.16 12.05
C LYS A 82 -5.26 4.30 13.07
N TYR A 83 -4.31 4.93 13.74
CA TYR A 83 -3.57 4.39 14.86
C TYR A 83 -4.52 4.58 16.06
N ARG A 84 -4.69 3.56 16.92
CA ARG A 84 -5.53 3.67 18.13
C ARG A 84 -4.64 3.77 19.36
N GLY A 85 -3.62 2.92 19.39
CA GLY A 85 -2.68 2.90 20.49
C GLY A 85 -1.80 1.68 20.44
N VAL A 86 -1.24 1.33 21.60
CA VAL A 86 -0.35 0.19 21.80
C VAL A 86 -0.77 -0.55 23.05
N SER A 87 -0.43 -1.83 23.12
CA SER A 87 -0.58 -2.66 24.32
C SER A 87 0.79 -3.28 24.59
N TYR A 88 1.25 -3.19 25.84
CA TYR A 88 2.54 -3.75 26.28
C TYR A 88 2.41 -5.16 26.89
N LEU A 95 5.02 -3.95 22.53
CA LEU A 95 4.55 -5.31 22.24
C LEU A 95 3.51 -5.39 21.07
N ARG A 96 2.39 -4.63 21.14
CA ARG A 96 1.37 -4.69 20.09
C ARG A 96 0.87 -3.32 19.65
N LEU A 97 0.62 -3.17 18.35
CA LEU A 97 0.09 -1.97 17.72
C LEU A 97 -1.42 -2.13 17.46
N VAL A 98 -2.22 -1.22 18.00
CA VAL A 98 -3.68 -1.29 17.90
C VAL A 98 -4.17 -0.29 16.88
N MET A 99 -4.90 -0.79 15.85
CA MET A 99 -5.43 0.06 14.80
C MET A 99 -6.91 -0.11 14.73
N GLU A 100 -7.57 0.77 13.98
CA GLU A 100 -8.99 0.65 13.74
C GLU A 100 -9.19 -0.58 12.82
N TYR A 101 -10.31 -1.25 12.97
CA TYR A 101 -10.66 -2.43 12.21
C TYR A 101 -11.59 -2.02 11.08
N LEU A 102 -11.25 -2.43 9.85
CA LEU A 102 -12.03 -2.12 8.66
C LEU A 102 -12.63 -3.46 8.15
N PRO A 103 -13.87 -3.80 8.56
CA PRO A 103 -14.45 -5.12 8.17
C PRO A 103 -14.47 -5.39 6.65
N SER A 104 -14.48 -4.33 5.79
CA SER A 104 -14.42 -4.57 4.33
C SER A 104 -13.05 -5.13 3.87
N GLY A 105 -12.01 -4.92 4.67
CA GLY A 105 -10.68 -5.47 4.40
C GLY A 105 -9.96 -4.85 3.22
N CYS A 106 -9.01 -5.59 2.63
CA CYS A 106 -8.18 -5.04 1.55
C CYS A 106 -8.95 -4.72 0.26
N LEU A 107 -8.46 -3.71 -0.45
CA LEU A 107 -9.03 -3.24 -1.70
C LEU A 107 -8.95 -4.30 -2.81
N ARG A 108 -7.86 -5.10 -2.84
CA ARG A 108 -7.68 -6.15 -3.85
C ARG A 108 -8.88 -7.10 -3.90
N ASP A 109 -9.18 -7.76 -2.77
CA ASP A 109 -10.28 -8.70 -2.59
C ASP A 109 -11.65 -8.00 -2.73
N PHE A 110 -11.75 -6.75 -2.28
CA PHE A 110 -12.97 -5.95 -2.41
C PHE A 110 -13.31 -5.67 -3.87
N LEU A 111 -12.30 -5.31 -4.70
CA LEU A 111 -12.50 -5.04 -6.13
C LEU A 111 -13.00 -6.29 -6.86
N GLN A 112 -12.51 -7.50 -6.48
CA GLN A 112 -12.94 -8.78 -7.06
C GLN A 112 -14.42 -9.11 -6.74
N ARG A 113 -14.85 -8.92 -5.47
CA ARG A 113 -16.23 -9.19 -5.01
C ARG A 113 -17.25 -8.18 -5.53
N HIS A 114 -16.83 -6.95 -5.87
CA HIS A 114 -17.77 -5.90 -6.27
C HIS A 114 -17.50 -5.39 -7.68
N ARG A 115 -16.77 -6.16 -8.53
CA ARG A 115 -16.43 -5.66 -9.85
C ARG A 115 -17.63 -5.28 -10.72
N ALA A 116 -18.74 -6.02 -10.65
CA ALA A 116 -19.93 -5.69 -11.45
C ALA A 116 -20.68 -4.45 -10.92
N ARG A 117 -20.22 -3.88 -9.79
CA ARG A 117 -20.85 -2.75 -9.11
C ARG A 117 -20.08 -1.42 -9.20
N LEU A 118 -18.77 -1.47 -9.15
CA LEU A 118 -17.95 -0.27 -9.18
C LEU A 118 -17.68 0.14 -10.61
N ASP A 119 -17.99 1.39 -10.96
CA ASP A 119 -17.78 1.93 -12.31
C ASP A 119 -16.44 2.68 -12.38
N ALA A 120 -16.11 3.28 -13.55
CA ALA A 120 -14.88 4.03 -13.78
C ALA A 120 -14.74 5.19 -12.80
N SER A 121 -15.84 5.93 -12.56
CA SER A 121 -15.87 7.04 -11.62
C SER A 121 -15.40 6.60 -10.24
N ARG A 122 -15.95 5.48 -9.73
CA ARG A 122 -15.62 4.93 -8.44
C ARG A 122 -14.13 4.58 -8.33
N LEU A 123 -13.57 3.95 -9.40
CA LEU A 123 -12.15 3.57 -9.46
C LEU A 123 -11.26 4.78 -9.35
N LEU A 124 -11.70 5.88 -9.99
CA LEU A 124 -11.07 7.18 -10.07
C LEU A 124 -11.10 7.89 -8.72
N LEU A 125 -12.22 7.72 -7.96
CA LEU A 125 -12.36 8.23 -6.59
C LEU A 125 -11.34 7.54 -5.67
N TYR A 126 -11.24 6.21 -5.75
CA TYR A 126 -10.26 5.45 -4.93
C TYR A 126 -8.85 5.90 -5.27
N SER A 127 -8.55 6.04 -6.60
CA SER A 127 -7.27 6.51 -7.11
C SER A 127 -6.93 7.88 -6.54
N SER A 128 -7.92 8.79 -6.48
CA SER A 128 -7.74 10.15 -5.95
C SER A 128 -7.40 10.15 -4.46
N GLN A 129 -8.18 9.42 -3.65
CA GLN A 129 -7.99 9.22 -2.21
C GLN A 129 -6.63 8.65 -1.88
N ILE A 130 -6.18 7.61 -2.60
CA ILE A 130 -4.86 6.98 -2.42
C ILE A 130 -3.76 8.02 -2.74
N CYS A 131 -3.94 8.79 -3.85
CA CYS A 131 -2.98 9.83 -4.30
C CYS A 131 -2.87 10.92 -3.22
N LYS A 132 -4.01 11.32 -2.62
CA LYS A 132 -4.04 12.29 -1.52
C LYS A 132 -3.29 11.74 -0.31
N GLY A 133 -3.50 10.45 -0.01
CA GLY A 133 -2.79 9.81 1.09
C GLY A 133 -1.29 9.75 0.90
N MET A 134 -0.85 9.50 -0.35
CA MET A 134 0.58 9.42 -0.71
C MET A 134 1.24 10.76 -0.70
N GLU A 135 0.49 11.78 -1.12
CA GLU A 135 0.94 13.17 -1.11
C GLU A 135 1.24 13.56 0.34
N TYR A 136 0.33 13.20 1.25
CA TYR A 136 0.50 13.45 2.66
C TYR A 136 1.69 12.68 3.23
N LEU A 137 1.89 11.40 2.83
CA LEU A 137 3.04 10.61 3.29
C LEU A 137 4.35 11.26 2.86
N GLY A 138 4.37 11.75 1.62
CA GLY A 138 5.52 12.44 1.06
C GLY A 138 5.88 13.70 1.81
N SER A 139 4.84 14.47 2.23
CA SER A 139 4.99 15.70 3.02
C SER A 139 5.57 15.39 4.41
N ARG A 140 5.47 14.10 4.82
CA ARG A 140 5.99 13.59 6.09
C ARG A 140 7.37 12.99 5.94
N ARG A 141 7.93 13.07 4.70
CA ARG A 141 9.22 12.49 4.28
C ARG A 141 9.19 10.95 4.42
N CYS A 142 7.98 10.35 4.26
CA CYS A 142 7.75 8.93 4.43
C CYS A 142 7.62 8.22 3.11
N VAL A 143 8.44 7.19 2.95
CA VAL A 143 8.42 6.29 1.80
C VAL A 143 7.69 5.03 2.28
N HIS A 144 6.59 4.66 1.63
CA HIS A 144 5.79 3.50 2.00
C HIS A 144 6.52 2.17 1.67
N ARG A 145 7.09 2.07 0.44
CA ARG A 145 7.87 0.94 -0.14
C ARG A 145 7.05 -0.28 -0.53
N ASP A 146 5.79 -0.37 -0.14
CA ASP A 146 4.98 -1.56 -0.39
C ASP A 146 3.58 -1.20 -0.85
N LEU A 147 3.41 -0.12 -1.63
CA LEU A 147 2.08 0.27 -2.10
C LEU A 147 1.54 -0.76 -3.10
N ALA A 148 0.40 -1.40 -2.78
CA ALA A 148 -0.29 -2.42 -3.58
C ALA A 148 -1.71 -2.51 -3.12
N ALA A 149 -2.64 -2.98 -3.99
CA ALA A 149 -4.06 -3.06 -3.63
C ALA A 149 -4.35 -3.93 -2.42
N ARG A 150 -3.54 -4.96 -2.18
CA ARG A 150 -3.65 -5.88 -1.03
C ARG A 150 -3.29 -5.19 0.31
N ASN A 151 -2.62 -3.99 0.25
CA ASN A 151 -2.13 -3.18 1.38
C ASN A 151 -2.97 -1.94 1.63
N ILE A 152 -4.02 -1.76 0.85
CA ILE A 152 -4.90 -0.62 0.93
C ILE A 152 -6.19 -1.18 1.48
N LEU A 153 -6.80 -0.47 2.45
CA LEU A 153 -8.03 -0.94 3.07
C LEU A 153 -9.21 -0.17 2.62
N VAL A 154 -10.38 -0.81 2.67
CA VAL A 154 -11.67 -0.19 2.31
C VAL A 154 -12.42 0.20 3.60
N GLU A 155 -12.66 1.51 3.81
CA GLU A 155 -13.40 1.99 4.98
C GLU A 155 -14.88 1.84 4.66
N SER A 156 -15.27 2.30 3.47
CA SER A 156 -16.64 2.20 2.96
C SER A 156 -16.62 2.17 1.43
N GLU A 157 -17.79 1.99 0.82
CA GLU A 157 -18.06 1.98 -0.63
C GLU A 157 -17.35 3.14 -1.36
N ALA A 158 -17.28 4.34 -0.75
CA ALA A 158 -16.67 5.52 -1.34
C ALA A 158 -15.44 6.07 -0.54
N HIS A 159 -14.73 5.19 0.19
CA HIS A 159 -13.61 5.64 1.03
C HIS A 159 -12.55 4.57 1.25
N VAL A 160 -11.33 4.79 0.71
CA VAL A 160 -10.16 3.91 0.89
C VAL A 160 -9.10 4.61 1.76
N LYS A 161 -8.23 3.80 2.40
CA LYS A 161 -7.17 4.23 3.32
C LYS A 161 -5.92 3.39 3.09
N ILE A 162 -4.74 3.99 3.14
CA ILE A 162 -3.47 3.29 2.98
C ILE A 162 -3.10 2.67 4.32
N ALA A 163 -2.69 1.39 4.31
CA ALA A 163 -2.29 0.64 5.50
C ALA A 163 -0.91 -0.02 5.30
N ASP A 164 -0.53 -0.94 6.24
CA ASP A 164 0.70 -1.73 6.25
C ASP A 164 1.97 -0.91 5.98
N PHE A 165 2.44 -0.27 7.05
CA PHE A 165 3.61 0.56 7.11
C PHE A 165 4.82 -0.23 7.64
N GLY A 166 4.74 -1.57 7.54
CA GLY A 166 5.82 -2.48 7.97
C GLY A 166 7.16 -2.28 7.27
N LEU A 167 7.16 -1.68 6.07
CA LEU A 167 8.37 -1.45 5.26
C LEU A 167 8.68 0.05 5.09
N ALA A 168 7.80 0.91 5.62
CA ALA A 168 7.91 2.36 5.53
C ALA A 168 9.19 2.90 6.14
N LYS A 169 9.80 3.89 5.46
CA LYS A 169 11.04 4.52 5.88
C LYS A 169 10.90 6.05 5.96
N LEU A 170 11.55 6.64 6.94
CA LEU A 170 11.59 8.09 7.10
C LEU A 170 12.85 8.57 6.42
N LEU A 171 12.72 9.53 5.51
CA LEU A 171 13.84 10.10 4.76
C LEU A 171 14.55 11.15 5.60
N PRO A 172 15.90 11.10 5.73
CA PRO A 172 16.59 12.17 6.48
C PRO A 172 16.39 13.51 5.76
N LEU A 173 16.55 14.62 6.47
CA LEU A 173 16.36 15.96 5.87
C LEU A 173 17.26 16.27 4.67
N ASP A 174 18.45 15.65 4.60
CA ASP A 174 19.39 15.94 3.52
C ASP A 174 19.41 14.94 2.36
N LYS A 175 18.62 13.84 2.46
CA LYS A 175 18.59 12.78 1.45
C LYS A 175 17.16 12.46 1.05
N ASP A 176 16.88 12.49 -0.27
CA ASP A 176 15.54 12.27 -0.81
C ASP A 176 15.26 10.81 -1.26
N TYR A 177 16.21 9.89 -1.01
CA TYR A 177 16.11 8.48 -1.33
C TYR A 177 16.76 7.67 -0.22
N TYR A 178 16.56 6.36 -0.23
CA TYR A 178 17.10 5.45 0.79
C TYR A 178 17.56 4.17 0.13
N VAL A 179 18.75 3.69 0.49
CA VAL A 179 19.28 2.45 -0.06
C VAL A 179 19.11 1.33 0.96
N VAL A 180 18.37 0.27 0.56
CA VAL A 180 18.11 -0.89 1.41
C VAL A 180 19.28 -1.89 1.27
N ARG A 181 19.75 -2.46 2.38
CA ARG A 181 20.90 -3.38 2.40
C ARG A 181 20.61 -4.72 1.67
N GLU A 182 19.68 -5.53 2.20
CA GLU A 182 19.31 -6.80 1.58
C GLU A 182 18.13 -6.59 0.62
N PRO A 183 18.09 -7.25 -0.57
CA PRO A 183 16.96 -7.05 -1.50
C PRO A 183 15.59 -7.48 -0.93
N GLY A 184 14.54 -6.96 -1.55
CA GLY A 184 13.15 -7.15 -1.16
C GLY A 184 12.63 -8.57 -1.07
N GLN A 185 11.55 -8.72 -0.32
CA GLN A 185 10.86 -9.97 -0.06
C GLN A 185 9.39 -9.88 -0.53
N SER A 186 9.05 -8.78 -1.17
CA SER A 186 7.70 -8.55 -1.72
C SER A 186 7.64 -9.01 -3.18
N PRO A 187 6.46 -9.37 -3.74
CA PRO A 187 6.39 -9.68 -5.19
C PRO A 187 7.03 -8.56 -6.02
N ILE A 188 7.95 -8.96 -6.91
CA ILE A 188 8.80 -8.05 -7.70
C ILE A 188 8.05 -7.13 -8.69
N PHE A 189 6.81 -7.44 -8.99
CA PHE A 189 6.00 -6.77 -10.02
C PHE A 189 5.51 -5.37 -9.67
N TRP A 190 5.83 -4.85 -8.48
CA TRP A 190 5.44 -3.50 -8.04
C TRP A 190 6.66 -2.59 -7.90
N TYR A 191 7.87 -3.19 -7.88
CA TYR A 191 9.13 -2.46 -7.70
C TYR A 191 9.53 -1.64 -8.90
N ALA A 192 10.05 -0.43 -8.65
CA ALA A 192 10.57 0.45 -9.70
C ALA A 192 11.91 -0.16 -10.25
N PRO A 193 12.34 0.21 -11.51
CA PRO A 193 13.63 -0.33 -12.03
C PRO A 193 14.81 -0.10 -11.10
N GLU A 194 14.91 1.11 -10.49
CA GLU A 194 16.02 1.47 -9.58
C GLU A 194 15.97 0.69 -8.27
N SER A 195 14.80 0.17 -7.88
CA SER A 195 14.65 -0.66 -6.68
C SER A 195 15.17 -2.07 -7.03
N LEU A 196 14.76 -2.60 -8.21
CA LEU A 196 15.16 -3.90 -8.74
C LEU A 196 16.70 -3.96 -8.94
N SER A 197 17.27 -2.95 -9.59
CA SER A 197 18.71 -2.91 -9.84
C SER A 197 19.56 -2.55 -8.63
N ASP A 198 19.24 -1.43 -7.91
CA ASP A 198 20.11 -0.93 -6.81
C ASP A 198 19.52 -0.85 -5.39
N ASN A 199 18.26 -1.30 -5.13
CA ASN A 199 17.58 -1.20 -3.83
C ASN A 199 17.38 0.27 -3.41
N ILE A 200 17.17 1.14 -4.41
CA ILE A 200 16.91 2.56 -4.17
C ILE A 200 15.40 2.71 -4.03
N PHE A 201 14.98 3.34 -2.95
CA PHE A 201 13.58 3.61 -2.66
C PHE A 201 13.45 5.09 -2.37
N SER A 202 12.41 5.72 -2.90
CA SER A 202 12.17 7.15 -2.73
C SER A 202 10.67 7.41 -2.92
N ARG A 203 10.23 8.67 -2.79
CA ARG A 203 8.82 9.00 -3.04
C ARG A 203 8.45 8.77 -4.51
N GLN A 204 9.47 8.74 -5.41
CA GLN A 204 9.35 8.53 -6.85
C GLN A 204 9.20 7.04 -7.18
N SER A 205 9.84 6.17 -6.38
CA SER A 205 9.65 4.74 -6.54
C SER A 205 8.22 4.40 -6.02
N ASP A 206 7.70 5.16 -5.00
CA ASP A 206 6.32 5.01 -4.52
C ASP A 206 5.35 5.36 -5.65
N VAL A 207 5.68 6.39 -6.48
CA VAL A 207 4.88 6.84 -7.66
C VAL A 207 4.79 5.70 -8.69
N TRP A 208 5.91 5.01 -8.95
CA TRP A 208 5.97 3.86 -9.85
C TRP A 208 4.96 2.83 -9.35
N SER A 209 5.06 2.45 -8.06
CA SER A 209 4.14 1.49 -7.41
C SER A 209 2.69 1.94 -7.50
N PHE A 210 2.45 3.25 -7.33
CA PHE A 210 1.12 3.82 -7.49
C PHE A 210 0.56 3.55 -8.90
N GLY A 211 1.42 3.65 -9.92
CA GLY A 211 1.05 3.31 -11.30
C GLY A 211 0.55 1.88 -11.40
N VAL A 212 1.19 0.96 -10.65
CA VAL A 212 0.79 -0.45 -10.61
C VAL A 212 -0.53 -0.60 -9.86
N VAL A 213 -0.79 0.26 -8.85
CA VAL A 213 -2.06 0.29 -8.12
C VAL A 213 -3.19 0.75 -9.09
N LEU A 214 -2.93 1.77 -9.93
CA LEU A 214 -3.89 2.26 -10.93
C LEU A 214 -4.29 1.13 -11.86
N TYR A 215 -3.27 0.37 -12.33
CA TYR A 215 -3.47 -0.82 -13.17
C TYR A 215 -4.31 -1.87 -12.40
N GLU A 216 -4.00 -2.09 -11.11
CA GLU A 216 -4.77 -3.05 -10.26
C GLU A 216 -6.23 -2.63 -10.19
N LEU A 217 -6.47 -1.33 -9.92
CA LEU A 217 -7.82 -0.74 -9.87
C LEU A 217 -8.61 -0.97 -11.16
N PHE A 218 -8.01 -0.64 -12.31
CA PHE A 218 -8.67 -0.70 -13.61
C PHE A 218 -8.77 -2.14 -14.19
N THR A 219 -8.18 -3.14 -13.51
CA THR A 219 -8.34 -4.55 -13.86
C THR A 219 -9.24 -5.20 -12.80
N TYR A 220 -9.72 -4.41 -11.79
CA TYR A 220 -10.49 -4.89 -10.62
C TYR A 220 -9.74 -6.03 -9.92
N CYS A 221 -8.40 -5.94 -9.93
CA CYS A 221 -7.48 -6.94 -9.39
C CYS A 221 -7.76 -8.35 -9.91
N ASP A 222 -8.17 -8.45 -11.20
CA ASP A 222 -8.43 -9.74 -11.85
C ASP A 222 -7.12 -10.48 -11.90
N LYS A 223 -7.13 -11.71 -11.39
CA LYS A 223 -5.94 -12.57 -11.28
C LYS A 223 -5.37 -12.97 -12.63
N SER A 224 -6.22 -13.18 -13.65
CA SER A 224 -5.78 -13.59 -15.00
C SER A 224 -4.92 -12.55 -15.72
N CYS A 225 -5.15 -11.24 -15.44
CA CYS A 225 -4.35 -10.16 -16.04
C CYS A 225 -3.63 -9.36 -14.97
N SER A 226 -3.42 -9.96 -13.79
CA SER A 226 -2.75 -9.37 -12.64
C SER A 226 -1.31 -8.96 -12.94
N PRO A 227 -0.71 -8.01 -12.18
CA PRO A 227 0.71 -7.68 -12.43
C PRO A 227 1.62 -8.91 -12.53
N SER A 228 1.45 -9.91 -11.63
CA SER A 228 2.25 -11.15 -11.71
C SER A 228 1.94 -11.97 -12.96
N ALA A 229 0.66 -12.32 -13.18
CA ALA A 229 0.27 -13.14 -14.33
C ALA A 229 0.71 -12.52 -15.64
N GLU A 230 0.38 -11.25 -15.88
CA GLU A 230 0.70 -10.62 -17.15
C GLU A 230 2.21 -10.34 -17.34
N PHE A 231 2.94 -9.89 -16.30
CA PHE A 231 4.39 -9.70 -16.46
C PHE A 231 5.10 -11.03 -16.74
N LEU A 232 4.70 -12.13 -16.05
CA LEU A 232 5.25 -13.48 -16.22
C LEU A 232 5.08 -13.98 -17.68
N ARG A 233 3.93 -13.68 -18.32
CA ARG A 233 3.75 -14.14 -19.69
C ARG A 233 4.49 -13.26 -20.69
N MET A 234 4.78 -12.00 -20.33
CA MET A 234 5.60 -11.14 -21.19
C MET A 234 7.10 -11.54 -21.04
N MET A 235 7.48 -12.05 -19.83
CA MET A 235 8.82 -12.50 -19.41
C MET A 235 9.39 -13.55 -20.37
N VAL A 241 18.62 -17.53 -16.50
CA VAL A 241 18.43 -16.11 -16.15
C VAL A 241 17.41 -15.94 -15.00
N PRO A 242 17.76 -15.23 -13.89
CA PRO A 242 16.77 -15.03 -12.80
C PRO A 242 15.63 -14.11 -13.23
N ALA A 243 14.41 -14.39 -12.72
CA ALA A 243 13.17 -13.68 -13.00
C ALA A 243 13.26 -12.17 -12.79
N LEU A 244 13.91 -11.74 -11.67
CA LEU A 244 14.12 -10.33 -11.33
C LEU A 244 14.92 -9.64 -12.47
N SER A 245 16.05 -10.25 -12.89
CA SER A 245 16.91 -9.76 -13.98
C SER A 245 16.14 -9.70 -15.30
N ARG A 246 15.28 -10.72 -15.56
CA ARG A 246 14.41 -10.79 -16.72
C ARG A 246 13.31 -9.69 -16.70
N LEU A 247 12.75 -9.39 -15.52
CA LEU A 247 11.75 -8.33 -15.39
C LEU A 247 12.41 -6.97 -15.57
N LEU A 248 13.60 -6.81 -14.97
CA LEU A 248 14.39 -5.59 -15.09
C LEU A 248 14.80 -5.33 -16.56
N GLU A 249 15.04 -6.42 -17.33
CA GLU A 249 15.35 -6.42 -18.77
C GLU A 249 14.14 -5.91 -19.58
N LEU A 250 12.92 -6.51 -19.38
CA LEU A 250 11.64 -6.10 -19.99
C LEU A 250 11.44 -4.58 -19.83
N LEU A 251 11.60 -4.11 -18.58
CA LEU A 251 11.38 -2.73 -18.18
C LEU A 251 12.39 -1.76 -18.79
N GLU A 252 13.70 -2.08 -18.77
CA GLU A 252 14.78 -1.27 -19.36
C GLU A 252 14.56 -1.06 -20.88
N GLU A 253 13.98 -2.06 -21.57
CA GLU A 253 13.63 -2.03 -23.00
C GLU A 253 12.41 -1.13 -23.26
N GLY A 254 11.73 -0.69 -22.20
CA GLY A 254 10.54 0.15 -22.29
C GLY A 254 9.25 -0.62 -22.37
N GLN A 255 9.32 -1.94 -22.14
CA GLN A 255 8.11 -2.76 -22.15
C GLN A 255 7.35 -2.49 -20.86
N ARG A 256 6.02 -2.36 -20.96
CA ARG A 256 5.15 -2.10 -19.81
C ARG A 256 3.94 -3.01 -19.82
N LEU A 257 3.24 -3.09 -18.68
CA LEU A 257 1.97 -3.81 -18.60
C LEU A 257 0.96 -3.21 -19.63
N PRO A 258 0.15 -4.06 -20.29
CA PRO A 258 -0.79 -3.54 -21.28
C PRO A 258 -1.92 -2.73 -20.64
N ALA A 259 -2.55 -1.82 -21.41
CA ALA A 259 -3.70 -1.08 -20.92
C ALA A 259 -4.77 -2.10 -20.47
N PRO A 260 -5.29 -2.03 -19.22
CA PRO A 260 -6.32 -2.98 -18.82
C PRO A 260 -7.54 -3.01 -19.77
N PRO A 261 -8.23 -4.16 -19.92
CA PRO A 261 -9.43 -4.18 -20.77
C PRO A 261 -10.46 -3.09 -20.40
N ALA A 262 -10.89 -2.28 -21.40
CA ALA A 262 -11.86 -1.15 -21.32
C ALA A 262 -11.33 0.06 -20.54
N CYS A 263 -10.01 0.13 -20.33
CA CYS A 263 -9.39 1.22 -19.61
C CYS A 263 -9.53 2.54 -20.37
N PRO A 264 -9.95 3.65 -19.68
CA PRO A 264 -9.99 4.96 -20.35
C PRO A 264 -8.56 5.36 -20.69
N ALA A 265 -8.35 5.85 -21.94
CA ALA A 265 -7.03 6.21 -22.47
C ALA A 265 -6.21 7.08 -21.54
N GLU A 266 -6.85 8.10 -20.98
CA GLU A 266 -6.25 9.07 -20.06
C GLU A 266 -5.68 8.41 -18.80
N VAL A 267 -6.43 7.45 -18.19
CA VAL A 267 -5.98 6.70 -17.01
C VAL A 267 -4.71 5.91 -17.39
N HIS A 268 -4.71 5.24 -18.57
CA HIS A 268 -3.57 4.50 -19.09
C HIS A 268 -2.38 5.41 -19.33
N GLU A 269 -2.63 6.62 -19.90
CA GLU A 269 -1.57 7.64 -20.10
C GLU A 269 -0.91 8.04 -18.76
N LEU A 270 -1.70 8.08 -17.67
CA LEU A 270 -1.23 8.39 -16.31
C LEU A 270 -0.36 7.28 -15.76
N MET A 271 -0.77 6.00 -15.92
CA MET A 271 0.02 4.82 -15.53
C MET A 271 1.37 4.89 -16.24
N LYS A 272 1.37 5.18 -17.55
CA LYS A 272 2.60 5.32 -18.35
C LYS A 272 3.50 6.40 -17.78
N LEU A 273 2.94 7.54 -17.31
CA LEU A 273 3.73 8.63 -16.69
C LEU A 273 4.41 8.16 -15.39
N CYS A 274 3.63 7.50 -14.50
CA CYS A 274 4.11 6.90 -13.24
C CYS A 274 5.22 5.92 -13.50
N TRP A 275 5.16 5.25 -14.67
CA TRP A 275 6.15 4.28 -15.13
C TRP A 275 7.31 4.86 -15.96
N ALA A 276 7.60 6.18 -15.86
CA ALA A 276 8.73 6.80 -16.57
C ALA A 276 10.03 6.11 -16.11
N PRO A 277 10.95 5.81 -17.05
CA PRO A 277 12.19 5.10 -16.67
C PRO A 277 12.98 5.77 -15.56
N SER A 278 13.17 7.10 -15.66
CA SER A 278 13.94 7.85 -14.68
C SER A 278 13.03 8.41 -13.56
N PRO A 279 13.38 8.16 -12.27
CA PRO A 279 12.53 8.63 -11.15
C PRO A 279 12.14 10.10 -11.18
N GLN A 280 13.07 10.97 -11.60
CA GLN A 280 12.91 12.42 -11.70
C GLN A 280 11.90 12.86 -12.77
N ASP A 281 11.50 11.95 -13.69
CA ASP A 281 10.55 12.24 -14.77
C ASP A 281 9.09 11.80 -14.48
N ARG A 282 8.90 11.06 -13.39
CA ARG A 282 7.58 10.57 -12.98
C ARG A 282 6.82 11.73 -12.39
N PRO A 283 5.51 11.87 -12.64
CA PRO A 283 4.80 12.99 -11.99
C PRO A 283 4.82 12.83 -10.48
N SER A 284 4.62 13.94 -9.76
CA SER A 284 4.57 13.93 -8.30
C SER A 284 3.15 13.57 -7.94
N PHE A 285 2.92 13.16 -6.68
CA PHE A 285 1.57 12.91 -6.18
C PHE A 285 0.73 14.19 -6.21
N SER A 286 1.34 15.38 -5.92
CA SER A 286 0.60 16.67 -5.97
C SER A 286 0.19 17.05 -7.38
N ALA A 287 0.93 16.62 -8.40
CA ALA A 287 0.55 16.85 -9.81
C ALA A 287 -0.49 15.83 -10.26
N LEU A 288 -0.40 14.55 -9.80
CA LEU A 288 -1.37 13.51 -10.19
C LEU A 288 -2.79 13.75 -9.70
N GLY A 289 -2.92 14.18 -8.44
CA GLY A 289 -4.20 14.45 -7.77
C GLY A 289 -5.19 15.32 -8.55
N PRO A 290 -4.82 16.57 -8.91
CA PRO A 290 -5.77 17.42 -9.69
C PRO A 290 -6.16 16.74 -11.01
N GLN A 291 -5.21 16.02 -11.64
CA GLN A 291 -5.42 15.25 -12.88
C GLN A 291 -6.41 14.09 -12.66
N LEU A 292 -6.29 13.33 -11.54
CA LEU A 292 -7.24 12.26 -11.22
C LEU A 292 -8.63 12.84 -10.92
N ASP A 293 -8.67 13.95 -10.17
CA ASP A 293 -9.89 14.65 -9.81
C ASP A 293 -10.59 15.24 -11.03
N MET A 294 -9.82 15.73 -12.03
CA MET A 294 -10.34 16.27 -13.29
C MET A 294 -11.06 15.18 -14.11
N LEU A 295 -10.52 13.93 -14.11
CA LEU A 295 -11.14 12.77 -14.79
C LEU A 295 -12.47 12.38 -14.14
N TRP A 296 -12.69 12.90 -12.90
CA TRP A 296 -13.83 12.89 -11.98
C TRP A 296 -13.82 11.81 -10.95
N SER A 297 -14.26 12.20 -9.73
CA SER A 297 -14.31 11.44 -8.49
C SER A 297 -12.90 11.09 -8.03
N3 7KU B . -6.86 -2.47 10.15
C4 7KU B . -4.45 -8.41 4.17
N2 7KU B . -5.36 -5.93 7.46
C7 7KU B . -5.39 -7.10 6.59
C6 7KU B . -4.02 -7.77 6.56
C9 7KU B . -6.37 -5.32 8.12
C13 7KU B . -7.26 -3.55 9.42
C8 7KU B . -5.81 -6.70 5.19
N5 7KU B . -7.63 -5.79 7.90
C1 7KU B . -6.45 -8.85 1.27
C2 7KU B . -6.73 -9.44 2.64
C3 7KU B . -6.91 -8.33 3.66
O1 7KU B . -8.02 -7.92 3.91
N1 7KU B . -5.81 -7.86 4.29
C5 7KU B . -3.97 -8.90 5.53
C10 7KU B . -6.07 -4.17 8.91
C11 7KU B . -4.96 -3.40 9.39
C12 7KU B . -5.49 -2.39 10.14
N4 7KU B . -8.52 -3.99 9.24
C14 7KU B . -8.61 -5.08 8.48
#